data_4TKM
#
_entry.id   4TKM
#
_cell.length_a   87.898
_cell.length_b   87.898
_cell.length_c   139.821
_cell.angle_alpha   90.00
_cell.angle_beta   90.00
_cell.angle_gamma   120.00
#
_symmetry.space_group_name_H-M   'P 31 2 1'
#
loop_
_entity.id
_entity.type
_entity.pdbx_description
1 polymer 'NADH-dependent reductase for 4-deoxy-L-erythro-5-hexoseulose uronate'
2 non-polymer 'SULFATE ION'
3 non-polymer NICOTINAMIDE-ADENINE-DINUCLEOTIDE
4 water water
#
_entity_poly.entity_id   1
_entity_poly.type   'polypeptide(L)'
_entity_poly.pdbx_seq_one_letter_code
;MFSDLKGKRILITGSTEGIGMATAIELARYGAVVGLNSHVDPADPALLLGKLREAGGDGAFFRADITKTAECQRLVSAFV
ERFDGIDVLINNAGGLAGRSNLENIDDAFYDRVMDLNGRSVLMMTKFAIPHLRASAKASGTTSAVISTGSIAAREGGGIG
AGVYAASKAWLHDIHRNWVKEFTKDSIRFNIVAPGTVDTAFHADKSDELKTRIANSIPMGRFGTVQELAPAYVFFASHAA
SGYITGQILDVNGGQICP
;
_entity_poly.pdbx_strand_id   A,B
#
loop_
_chem_comp.id
_chem_comp.type
_chem_comp.name
_chem_comp.formula
NAD non-polymer NICOTINAMIDE-ADENINE-DINUCLEOTIDE 'C21 H27 N7 O14 P2'
SO4 non-polymer 'SULFATE ION' 'O4 S -2'
#
# COMPACT_ATOMS: atom_id res chain seq x y z
N MET A 1 2.05 -10.01 11.22
CA MET A 1 2.82 -11.21 10.77
C MET A 1 3.51 -11.02 9.39
N PHE A 2 4.79 -10.69 9.45
CA PHE A 2 5.67 -10.72 8.29
C PHE A 2 6.78 -11.74 8.59
N SER A 3 6.37 -12.92 9.06
CA SER A 3 7.32 -13.93 9.47
C SER A 3 8.14 -14.40 8.27
N ASP A 4 7.62 -14.27 7.06
CA ASP A 4 8.41 -14.65 5.87
C ASP A 4 9.60 -13.71 5.59
N LEU A 5 9.85 -12.76 6.47
CA LEU A 5 11.00 -11.87 6.34
C LEU A 5 12.21 -12.31 7.18
N LYS A 6 11.99 -13.22 8.13
CA LYS A 6 13.10 -13.81 8.90
C LYS A 6 14.23 -14.28 7.95
N GLY A 7 15.45 -13.85 8.24
CA GLY A 7 16.60 -14.24 7.43
C GLY A 7 16.74 -13.56 6.08
N LYS A 8 15.73 -12.82 5.65
CA LYS A 8 15.77 -12.18 4.34
C LYS A 8 16.82 -11.08 4.34
N ARG A 9 17.59 -11.07 3.27
CA ARG A 9 18.74 -10.25 3.19
C ARG A 9 18.37 -9.02 2.39
N ILE A 10 18.37 -7.88 3.07
CA ILE A 10 17.76 -6.65 2.58
C ILE A 10 18.74 -5.49 2.60
N LEU A 11 19.17 -5.08 1.42
CA LEU A 11 20.12 -3.99 1.27
C LEU A 11 19.38 -2.69 1.07
N ILE A 12 19.67 -1.71 1.92
CA ILE A 12 19.04 -0.39 1.89
C ILE A 12 20.03 0.75 1.74
N THR A 13 20.02 1.43 0.59
CA THR A 13 20.95 2.54 0.43
C THR A 13 20.46 3.74 1.24
N GLY A 14 21.39 4.54 1.74
CA GLY A 14 21.05 5.76 2.46
C GLY A 14 20.22 5.44 3.67
N SER A 15 20.73 4.56 4.53
CA SER A 15 19.96 3.99 5.64
C SER A 15 20.61 4.17 7.00
N THR A 16 21.51 5.12 7.16
CA THR A 16 22.05 5.35 8.50
C THR A 16 21.22 6.36 9.29
N GLU A 17 20.13 6.85 8.70
CA GLU A 17 19.21 7.78 9.36
C GLU A 17 17.88 7.92 8.61
N GLY A 18 16.99 8.73 9.17
CA GLY A 18 15.70 9.04 8.59
C GLY A 18 14.86 7.80 8.31
N ILE A 19 14.24 7.82 7.12
CA ILE A 19 13.33 6.76 6.74
C ILE A 19 14.12 5.49 6.61
N GLY A 20 15.35 5.64 6.14
CA GLY A 20 16.18 4.48 5.86
C GLY A 20 16.48 3.68 7.11
N MET A 21 16.85 4.37 8.19
CA MET A 21 17.21 3.70 9.42
C MET A 21 15.96 3.14 10.07
N ALA A 22 14.89 3.93 10.12
CA ALA A 22 13.66 3.47 10.73
C ALA A 22 13.12 2.23 10.04
N THR A 23 13.34 2.16 8.73
CA THR A 23 12.86 1.00 7.97
C THR A 23 13.69 -0.20 8.34
N ALA A 24 14.99 0.05 8.50
CA ALA A 24 15.94 -0.99 8.84
C ALA A 24 15.53 -1.68 10.14
N ILE A 25 15.23 -0.90 11.16
CA ILE A 25 14.75 -1.43 12.43
C ILE A 25 13.44 -2.20 12.34
N GLU A 26 12.46 -1.65 11.62
CA GLU A 26 11.20 -2.40 11.43
C GLU A 26 11.41 -3.69 10.66
N LEU A 27 12.32 -3.74 9.72
CA LEU A 27 12.58 -5.03 9.07
C LEU A 27 13.22 -5.96 10.10
N ALA A 28 14.08 -5.38 10.91
CA ALA A 28 14.82 -6.13 11.90
C ALA A 28 13.88 -6.80 12.87
N ARG A 29 12.81 -6.10 13.27
CA ARG A 29 11.78 -6.70 14.14
C ARG A 29 11.26 -8.07 13.68
N TYR A 30 11.27 -8.35 12.38
CA TYR A 30 10.84 -9.67 11.86
C TYR A 30 12.03 -10.54 11.51
N GLY A 31 13.18 -10.19 12.10
CA GLY A 31 14.42 -10.96 11.96
C GLY A 31 15.08 -10.89 10.62
N ALA A 32 15.00 -9.75 9.96
CA ALA A 32 15.64 -9.64 8.65
C ALA A 32 17.10 -9.30 8.89
N VAL A 33 17.87 -9.41 7.83
CA VAL A 33 19.28 -9.16 7.85
C VAL A 33 19.49 -7.98 6.93
N VAL A 34 20.03 -6.90 7.47
CA VAL A 34 19.94 -5.61 6.80
C VAL A 34 21.28 -4.96 6.59
N GLY A 35 21.57 -4.67 5.33
CA GLY A 35 22.70 -3.83 4.98
C GLY A 35 22.30 -2.39 5.17
N LEU A 36 22.94 -1.73 6.12
CA LEU A 36 22.90 -0.28 6.23
C LEU A 36 23.96 0.29 5.29
N ASN A 37 23.80 1.56 4.91
CA ASN A 37 24.69 2.17 3.96
C ASN A 37 24.65 3.68 4.01
N SER A 38 25.76 4.28 3.65
CA SER A 38 25.80 5.71 3.48
C SER A 38 27.08 6.04 2.74
N HIS A 39 27.17 7.25 2.23
CA HIS A 39 28.39 7.72 1.60
C HIS A 39 29.53 8.16 2.59
N VAL A 40 29.18 8.36 3.85
CA VAL A 40 30.17 8.67 4.91
C VAL A 40 29.86 7.75 6.08
N ASP A 41 30.90 7.47 6.88
CA ASP A 41 30.75 6.55 8.02
C ASP A 41 29.89 7.22 9.09
N PRO A 42 28.98 6.45 9.72
CA PRO A 42 28.31 7.08 10.86
C PRO A 42 29.28 7.29 12.03
N ALA A 43 28.89 8.16 12.96
CA ALA A 43 29.70 8.36 14.15
C ALA A 43 29.89 7.00 14.85
N ASP A 44 28.78 6.31 15.11
CA ASP A 44 28.81 5.02 15.82
C ASP A 44 28.15 3.83 15.07
N PRO A 45 28.89 3.17 14.16
CA PRO A 45 28.32 2.06 13.38
C PRO A 45 27.81 0.88 14.23
N ALA A 46 28.54 0.53 15.28
CA ALA A 46 28.14 -0.55 16.17
C ALA A 46 26.77 -0.29 16.83
N LEU A 47 26.49 0.96 17.21
CA LEU A 47 25.24 1.28 17.91
C LEU A 47 24.05 1.00 17.01
N LEU A 48 24.21 1.28 15.71
CA LEU A 48 23.15 1.06 14.73
C LEU A 48 22.86 -0.42 14.58
N LEU A 49 23.92 -1.22 14.42
CA LEU A 49 23.78 -2.68 14.36
C LEU A 49 23.23 -3.24 15.66
N GLY A 50 23.59 -2.59 16.76
CA GLY A 50 23.08 -2.95 18.06
C GLY A 50 21.59 -2.79 18.03
N LYS A 51 21.11 -1.69 17.44
CA LYS A 51 19.66 -1.42 17.43
C LYS A 51 18.92 -2.44 16.60
N LEU A 52 19.55 -2.89 15.51
CA LEU A 52 18.98 -3.92 14.65
C LEU A 52 18.84 -5.22 15.41
N ARG A 53 19.96 -5.69 15.95
CA ARG A 53 19.98 -6.95 16.71
C ARG A 53 19.05 -6.88 17.91
N GLU A 54 19.15 -5.79 18.67
CA GLU A 54 18.23 -5.50 19.76
C GLU A 54 16.79 -5.71 19.35
N ALA A 55 16.40 -5.18 18.19
CA ALA A 55 15.01 -5.28 17.73
C ALA A 55 14.60 -6.67 17.27
N GLY A 56 15.56 -7.55 17.07
CA GLY A 56 15.28 -8.94 16.75
C GLY A 56 15.88 -9.47 15.47
N GLY A 57 16.89 -8.80 14.92
CA GLY A 57 17.47 -9.19 13.64
C GLY A 57 18.96 -8.97 13.58
N ASP A 58 19.48 -8.72 12.39
CA ASP A 58 20.93 -8.59 12.19
C ASP A 58 21.23 -7.66 11.01
N GLY A 59 22.52 -7.43 10.76
CA GLY A 59 22.98 -6.70 9.58
C GLY A 59 24.41 -6.21 9.70
N ALA A 60 24.91 -5.58 8.65
CA ALA A 60 26.22 -4.95 8.63
C ALA A 60 26.12 -3.55 8.02
N PHE A 61 27.15 -2.73 8.20
CA PHE A 61 27.25 -1.42 7.59
C PHE A 61 28.18 -1.48 6.40
N PHE A 62 27.82 -0.82 5.30
CA PHE A 62 28.69 -0.70 4.15
C PHE A 62 28.69 0.73 3.66
N ARG A 63 29.84 1.36 3.67
CA ARG A 63 29.96 2.72 3.22
C ARG A 63 30.22 2.72 1.71
N ALA A 64 29.45 3.53 0.98
CA ALA A 64 29.69 3.75 -0.44
C ALA A 64 28.98 5.00 -0.88
N ASP A 65 29.64 5.79 -1.73
CA ASP A 65 29.04 6.97 -2.35
C ASP A 65 28.43 6.56 -3.69
N ILE A 66 27.17 6.13 -3.65
CA ILE A 66 26.50 5.57 -4.84
C ILE A 66 26.05 6.54 -5.93
N THR A 67 26.52 7.79 -5.89
CA THR A 67 26.40 8.70 -7.02
C THR A 67 27.41 8.34 -8.08
N LYS A 68 28.30 7.41 -7.76
CA LYS A 68 29.23 6.87 -8.73
C LYS A 68 28.86 5.43 -8.99
N THR A 69 28.84 5.08 -10.27
CA THR A 69 28.45 3.76 -10.71
C THR A 69 29.37 2.68 -10.12
N ALA A 70 30.68 2.96 -10.15
CA ALA A 70 31.70 2.07 -9.58
C ALA A 70 31.32 1.71 -8.14
N GLU A 71 31.04 2.73 -7.34
CA GLU A 71 30.59 2.52 -5.96
C GLU A 71 29.33 1.63 -5.84
N CYS A 72 28.36 1.79 -6.74
CA CYS A 72 27.16 0.93 -6.68
C CYS A 72 27.58 -0.52 -6.94
N GLN A 73 28.43 -0.72 -7.94
CA GLN A 73 29.06 -2.02 -8.18
C GLN A 73 29.69 -2.54 -6.88
N ARG A 74 30.63 -1.74 -6.35
CA ARG A 74 31.37 -2.14 -5.15
C ARG A 74 30.44 -2.44 -3.98
N LEU A 75 29.40 -1.65 -3.82
CA LEU A 75 28.48 -1.85 -2.71
C LEU A 75 27.71 -3.17 -2.84
N VAL A 76 27.19 -3.47 -4.03
CA VAL A 76 26.45 -4.71 -4.18
C VAL A 76 27.41 -5.90 -3.99
N SER A 77 28.62 -5.79 -4.53
CA SER A 77 29.63 -6.84 -4.35
C SER A 77 29.84 -7.14 -2.90
N ALA A 78 30.17 -6.10 -2.13
CA ALA A 78 30.43 -6.25 -0.69
C ALA A 78 29.27 -6.87 0.07
N PHE A 79 28.07 -6.40 -0.14
CA PHE A 79 26.95 -6.96 0.60
C PHE A 79 26.75 -8.44 0.25
N VAL A 80 26.96 -8.75 -1.03
CA VAL A 80 26.85 -10.11 -1.49
C VAL A 80 28.04 -10.94 -0.99
N GLU A 81 29.26 -10.39 -0.97
CA GLU A 81 30.35 -11.11 -0.30
C GLU A 81 29.97 -11.46 1.14
N ARG A 82 29.58 -10.47 1.94
CA ARG A 82 29.27 -10.70 3.36
C ARG A 82 28.13 -11.71 3.54
N PHE A 83 26.96 -11.39 3.04
CA PHE A 83 25.89 -12.39 3.03
C PHE A 83 25.98 -12.92 1.60
N ASP A 84 25.19 -13.92 1.21
CA ASP A 84 25.50 -14.61 -0.05
C ASP A 84 24.66 -14.20 -1.27
N GLY A 85 23.96 -13.08 -1.13
CA GLY A 85 22.94 -12.65 -2.08
C GLY A 85 21.92 -11.70 -1.47
N ILE A 86 21.05 -11.17 -2.30
CA ILE A 86 20.10 -10.14 -1.92
C ILE A 86 18.70 -10.62 -2.14
N ASP A 87 17.86 -10.56 -1.12
CA ASP A 87 16.44 -10.91 -1.28
C ASP A 87 15.56 -9.69 -1.55
N VAL A 88 16.07 -8.49 -1.20
CA VAL A 88 15.33 -7.25 -1.35
C VAL A 88 16.27 -6.06 -1.47
N LEU A 89 16.13 -5.29 -2.55
CA LEU A 89 16.89 -4.03 -2.70
C LEU A 89 15.95 -2.87 -2.41
N ILE A 90 16.33 -2.04 -1.45
CA ILE A 90 15.56 -0.85 -1.13
C ILE A 90 16.36 0.37 -1.54
N ASN A 91 15.97 1.00 -2.66
CA ASN A 91 16.66 2.20 -3.14
C ASN A 91 16.13 3.41 -2.39
N ASN A 92 16.83 3.80 -1.32
CA ASN A 92 16.40 4.90 -0.49
C ASN A 92 17.25 6.16 -0.57
N ALA A 93 18.52 6.04 -0.89
CA ALA A 93 19.34 7.20 -1.19
C ALA A 93 18.69 8.08 -2.25
N GLY A 94 18.84 9.37 -2.06
CA GLY A 94 18.11 10.37 -2.84
C GLY A 94 17.99 11.63 -2.02
N GLY A 95 17.46 12.68 -2.63
CA GLY A 95 17.26 13.95 -1.92
C GLY A 95 17.42 15.13 -2.83
N LEU A 96 17.11 16.30 -2.28
CA LEU A 96 17.09 17.52 -3.07
C LEU A 96 18.46 17.90 -3.66
N ALA A 97 19.48 17.96 -2.82
CA ALA A 97 20.79 18.40 -3.27
C ALA A 97 20.68 19.79 -3.88
N GLY A 98 19.86 20.64 -3.23
CA GLY A 98 19.79 22.04 -3.59
C GLY A 98 18.50 22.45 -4.27
N ARG A 99 18.22 23.75 -4.18
CA ARG A 99 17.12 24.37 -4.86
C ARG A 99 17.74 25.39 -5.80
N SER A 100 17.16 25.53 -6.99
CA SER A 100 17.57 26.56 -7.90
C SER A 100 16.44 26.89 -8.83
N ASN A 101 16.05 28.17 -8.87
CA ASN A 101 15.29 28.71 -10.00
C ASN A 101 15.92 28.24 -11.30
N LEU A 102 15.08 27.95 -12.29
CA LEU A 102 15.57 27.43 -13.55
C LEU A 102 16.66 28.31 -14.20
N GLU A 103 16.53 29.63 -14.14
CA GLU A 103 17.54 30.49 -14.77
C GLU A 103 18.94 30.39 -14.18
N ASN A 104 19.06 29.99 -12.92
CA ASN A 104 20.38 29.77 -12.31
C ASN A 104 20.82 28.30 -12.31
N ILE A 105 20.21 27.45 -13.12
CA ILE A 105 20.54 26.03 -13.11
C ILE A 105 21.63 25.77 -14.11
N ASP A 106 22.85 25.56 -13.63
CA ASP A 106 23.97 25.18 -14.53
C ASP A 106 24.08 23.66 -14.66
N ASP A 107 25.05 23.17 -15.43
CA ASP A 107 25.25 21.74 -15.64
C ASP A 107 25.54 20.96 -14.33
N ALA A 108 26.31 21.58 -13.44
CA ALA A 108 26.71 20.92 -12.21
C ALA A 108 25.47 20.58 -11.38
N PHE A 109 24.52 21.53 -11.37
CA PHE A 109 23.33 21.38 -10.56
C PHE A 109 22.54 20.20 -11.07
N TYR A 110 22.29 20.23 -12.38
CA TYR A 110 21.64 19.10 -13.05
C TYR A 110 22.33 17.80 -12.72
N ASP A 111 23.65 17.77 -12.88
CA ASP A 111 24.40 16.53 -12.70
C ASP A 111 24.35 16.02 -11.23
N ARG A 112 24.48 16.96 -10.28
CA ARG A 112 24.43 16.59 -8.89
C ARG A 112 23.14 15.87 -8.57
N VAL A 113 22.02 16.49 -8.92
CA VAL A 113 20.71 15.97 -8.55
C VAL A 113 20.37 14.66 -9.26
N MET A 114 20.80 14.55 -10.51
CA MET A 114 20.47 13.41 -11.33
C MET A 114 21.35 12.22 -10.94
N ASP A 115 22.57 12.47 -10.46
CA ASP A 115 23.43 11.36 -9.99
C ASP A 115 22.85 10.79 -8.71
N LEU A 116 22.40 11.69 -7.85
CA LEU A 116 21.89 11.31 -6.54
C LEU A 116 20.58 10.56 -6.66
N ASN A 117 19.67 11.08 -7.49
CA ASN A 117 18.30 10.52 -7.63
C ASN A 117 18.06 9.63 -8.85
N GLY A 118 18.96 9.68 -9.83
CA GLY A 118 18.73 9.03 -11.14
C GLY A 118 19.65 7.86 -11.44
N ARG A 119 20.90 8.17 -11.79
CA ARG A 119 21.97 7.16 -12.01
C ARG A 119 22.16 6.16 -10.87
N SER A 120 22.22 6.66 -9.64
CA SER A 120 22.33 5.79 -8.46
C SER A 120 21.25 4.71 -8.45
N VAL A 121 20.00 5.09 -8.63
CA VAL A 121 18.94 4.09 -8.50
C VAL A 121 18.97 3.11 -9.67
N LEU A 122 19.27 3.63 -10.87
CA LEU A 122 19.43 2.80 -12.06
C LEU A 122 20.50 1.74 -11.87
N MET A 123 21.69 2.22 -11.50
CA MET A 123 22.88 1.39 -11.37
C MET A 123 22.79 0.44 -10.19
N MET A 124 22.38 0.91 -9.02
CA MET A 124 22.14 0.00 -7.90
C MET A 124 21.27 -1.15 -8.31
N THR A 125 20.12 -0.80 -8.88
CA THR A 125 19.16 -1.81 -9.28
C THR A 125 19.78 -2.74 -10.31
N LYS A 126 20.48 -2.17 -11.29
CA LYS A 126 21.17 -2.99 -12.28
C LYS A 126 22.01 -4.06 -11.60
N PHE A 127 22.99 -3.62 -10.80
CA PHE A 127 23.94 -4.55 -10.18
C PHE A 127 23.29 -5.52 -9.22
N ALA A 128 22.07 -5.26 -8.78
CA ALA A 128 21.41 -6.17 -7.86
C ALA A 128 20.55 -7.22 -8.59
N ILE A 129 20.11 -6.87 -9.79
CA ILE A 129 19.20 -7.72 -10.55
C ILE A 129 19.67 -9.18 -10.62
N PRO A 130 20.93 -9.40 -11.09
CA PRO A 130 21.51 -10.73 -11.07
C PRO A 130 21.17 -11.53 -9.82
N HIS A 131 21.45 -10.95 -8.65
CA HIS A 131 21.35 -11.66 -7.36
C HIS A 131 19.93 -11.83 -6.91
N LEU A 132 19.11 -10.82 -7.21
CA LEU A 132 17.69 -10.88 -6.92
C LEU A 132 17.00 -11.96 -7.72
N ARG A 133 17.41 -12.09 -8.98
CA ARG A 133 16.90 -13.14 -9.86
C ARG A 133 17.17 -14.52 -9.26
N ALA A 134 18.44 -14.77 -8.98
CA ALA A 134 18.86 -16.02 -8.33
C ALA A 134 18.20 -16.22 -6.97
N SER A 135 18.01 -15.13 -6.22
CA SER A 135 17.38 -15.23 -4.93
C SER A 135 16.00 -15.82 -5.07
N ALA A 136 15.32 -15.46 -6.15
CA ALA A 136 13.91 -15.79 -6.38
C ALA A 136 13.67 -17.25 -6.84
N LYS A 137 14.52 -17.74 -7.74
CA LYS A 137 14.55 -19.20 -8.05
C LYS A 137 14.71 -20.06 -6.81
N ALA A 138 15.73 -19.71 -6.00
CA ALA A 138 16.04 -20.42 -4.76
C ALA A 138 14.87 -20.46 -3.78
N SER A 139 14.30 -19.30 -3.46
CA SER A 139 13.15 -19.25 -2.55
C SER A 139 11.91 -19.96 -3.14
N GLY A 140 11.79 -19.95 -4.47
CA GLY A 140 10.54 -20.34 -5.16
C GLY A 140 9.63 -19.13 -5.46
N THR A 141 9.48 -18.25 -4.46
CA THR A 141 8.52 -17.14 -4.48
C THR A 141 9.00 -15.92 -5.30
N THR A 142 9.31 -14.79 -4.65
CA THR A 142 9.72 -13.57 -5.37
C THR A 142 10.80 -12.77 -4.63
N SER A 143 11.63 -12.09 -5.40
CA SER A 143 12.51 -11.06 -4.90
C SER A 143 11.74 -9.73 -4.95
N ALA A 144 12.35 -8.65 -4.46
CA ALA A 144 11.73 -7.34 -4.46
C ALA A 144 12.71 -6.18 -4.62
N VAL A 145 12.27 -5.15 -5.34
CA VAL A 145 12.85 -3.82 -5.24
C VAL A 145 11.78 -2.87 -4.69
N ILE A 146 12.19 -2.03 -3.75
CA ILE A 146 11.35 -0.95 -3.24
C ILE A 146 12.17 0.29 -3.40
N SER A 147 11.62 1.29 -4.07
CA SER A 147 12.31 2.55 -4.23
C SER A 147 11.52 3.67 -3.56
N THR A 148 12.24 4.62 -2.99
CA THR A 148 11.62 5.74 -2.34
C THR A 148 11.40 6.80 -3.38
N GLY A 149 10.14 7.17 -3.57
CA GLY A 149 9.77 8.15 -4.59
C GLY A 149 9.42 9.45 -3.93
N SER A 150 8.53 10.22 -4.54
CA SER A 150 8.08 11.47 -3.95
C SER A 150 6.77 11.94 -4.56
N ILE A 151 5.98 12.59 -3.71
CA ILE A 151 4.88 13.39 -4.15
C ILE A 151 5.34 14.22 -5.35
N ALA A 152 6.58 14.71 -5.32
CA ALA A 152 7.10 15.54 -6.42
C ALA A 152 7.12 14.85 -7.78
N ALA A 153 7.08 13.53 -7.81
CA ALA A 153 7.00 12.85 -9.08
C ALA A 153 5.73 13.26 -9.83
N ARG A 154 4.68 13.55 -9.08
CA ARG A 154 3.35 13.78 -9.62
C ARG A 154 3.00 15.23 -9.95
N GLU A 155 3.40 16.18 -9.09
CA GLU A 155 2.93 17.56 -9.19
C GLU A 155 4.04 18.62 -9.34
N GLY A 156 5.24 18.18 -9.65
CA GLY A 156 6.30 19.08 -10.08
C GLY A 156 7.14 19.69 -8.99
N GLY A 157 6.93 19.30 -7.73
CA GLY A 157 7.75 19.77 -6.63
C GLY A 157 7.59 21.26 -6.35
N GLY A 158 8.26 21.74 -5.32
CA GLY A 158 8.30 23.18 -5.01
C GLY A 158 9.21 23.94 -5.98
N ILE A 159 9.06 25.25 -6.02
CA ILE A 159 9.97 26.08 -6.82
C ILE A 159 11.38 25.86 -6.30
N GLY A 160 12.31 25.74 -7.22
CA GLY A 160 13.68 25.38 -6.91
C GLY A 160 13.95 23.90 -7.10
N ALA A 161 12.91 23.08 -7.03
CA ALA A 161 13.08 21.65 -6.94
C ALA A 161 12.67 20.93 -8.20
N GLY A 162 12.67 21.64 -9.32
CA GLY A 162 12.20 21.08 -10.57
C GLY A 162 12.97 19.85 -10.98
N VAL A 163 14.29 19.90 -10.89
CA VAL A 163 15.07 18.72 -11.31
C VAL A 163 14.78 17.52 -10.40
N TYR A 164 14.72 17.77 -9.08
CA TYR A 164 14.40 16.74 -8.10
C TYR A 164 13.04 16.12 -8.35
N ALA A 165 12.04 16.97 -8.55
CA ALA A 165 10.72 16.50 -8.96
C ALA A 165 10.83 15.56 -10.17
N ALA A 166 11.50 16.05 -11.20
CA ALA A 166 11.58 15.37 -12.48
C ALA A 166 12.25 14.03 -12.34
N SER A 167 13.37 14.02 -11.60
CA SER A 167 14.13 12.80 -11.28
C SER A 167 13.28 11.74 -10.59
N LYS A 168 12.33 12.19 -9.78
CA LYS A 168 11.43 11.27 -9.10
C LYS A 168 10.34 10.73 -10.01
N ALA A 169 9.83 11.57 -10.89
CA ALA A 169 8.92 11.08 -11.95
C ALA A 169 9.66 10.07 -12.84
N TRP A 170 10.92 10.38 -13.16
CA TRP A 170 11.84 9.50 -13.88
C TRP A 170 11.86 8.11 -13.25
N LEU A 171 11.96 8.07 -11.92
CA LEU A 171 11.97 6.81 -11.15
C LEU A 171 10.64 6.08 -11.19
N HIS A 172 9.55 6.81 -11.02
CA HIS A 172 8.21 6.20 -11.01
C HIS A 172 7.99 5.49 -12.36
N ASP A 173 8.49 6.11 -13.43
CA ASP A 173 8.27 5.59 -14.74
C ASP A 173 9.20 4.44 -15.06
N ILE A 174 10.48 4.58 -14.71
CA ILE A 174 11.46 3.53 -15.01
C ILE A 174 11.15 2.23 -14.27
N HIS A 175 10.49 2.33 -13.13
CA HIS A 175 9.97 1.13 -12.48
C HIS A 175 8.98 0.42 -13.38
N ARG A 176 8.20 1.16 -14.14
CA ARG A 176 7.16 0.57 -14.98
C ARG A 176 7.87 -0.16 -16.11
N ASN A 177 9.00 0.40 -16.55
CA ASN A 177 9.84 -0.27 -17.54
C ASN A 177 10.44 -1.56 -17.02
N TRP A 178 10.72 -1.62 -15.71
CA TRP A 178 11.37 -2.81 -15.12
C TRP A 178 10.34 -3.85 -14.80
N VAL A 179 9.10 -3.44 -14.55
CA VAL A 179 8.05 -4.45 -14.39
C VAL A 179 7.96 -5.27 -15.69
N LYS A 180 8.14 -4.59 -16.82
CA LYS A 180 8.15 -5.25 -18.10
C LYS A 180 9.35 -6.18 -18.20
N GLU A 181 10.55 -5.64 -18.01
CA GLU A 181 11.79 -6.39 -18.26
C GLU A 181 11.99 -7.58 -17.31
N PHE A 182 11.47 -7.52 -16.09
CA PHE A 182 11.88 -8.46 -15.04
C PHE A 182 10.78 -9.13 -14.22
N THR A 183 9.53 -9.11 -14.66
CA THR A 183 8.52 -9.86 -13.93
C THR A 183 8.65 -11.39 -14.18
N LYS A 184 9.13 -11.75 -15.37
CA LYS A 184 9.42 -13.15 -15.67
C LYS A 184 10.43 -13.76 -14.66
N ASP A 185 11.37 -12.95 -14.21
CA ASP A 185 12.32 -13.32 -13.14
C ASP A 185 11.73 -13.34 -11.71
N SER A 186 10.46 -13.00 -11.58
CA SER A 186 9.77 -12.98 -10.28
C SER A 186 10.31 -11.94 -9.30
N ILE A 187 10.85 -10.87 -9.87
CA ILE A 187 11.26 -9.68 -9.14
C ILE A 187 10.15 -8.62 -9.24
N ARG A 188 9.59 -8.27 -8.07
CA ARG A 188 8.60 -7.23 -7.94
C ARG A 188 9.24 -5.89 -7.73
N PHE A 189 8.55 -4.81 -8.17
CA PHE A 189 9.03 -3.42 -8.07
C PHE A 189 7.97 -2.44 -7.52
N ASN A 190 8.19 -1.88 -6.34
CA ASN A 190 7.21 -1.00 -5.78
C ASN A 190 7.81 0.26 -5.22
N ILE A 191 6.98 1.29 -5.07
CA ILE A 191 7.48 2.55 -4.61
C ILE A 191 6.70 3.04 -3.42
N VAL A 192 7.42 3.51 -2.42
CA VAL A 192 6.85 4.30 -1.37
C VAL A 192 7.22 5.74 -1.67
N ALA A 193 6.23 6.62 -1.58
CA ALA A 193 6.37 7.98 -2.05
C ALA A 193 5.99 8.87 -0.90
N PRO A 194 6.99 9.26 -0.11
CA PRO A 194 6.74 9.97 1.11
C PRO A 194 5.86 11.20 1.09
N GLY A 195 5.92 12.08 0.13
CA GLY A 195 5.31 13.41 0.44
C GLY A 195 6.35 14.20 1.23
N THR A 196 5.96 14.99 2.23
CA THR A 196 6.99 15.62 3.08
C THR A 196 6.97 15.08 4.53
N VAL A 197 8.19 14.88 5.05
CA VAL A 197 8.48 14.27 6.37
C VAL A 197 9.55 15.11 7.06
N ALA A 214 2.47 22.75 6.96
CA ALA A 214 1.23 21.97 7.00
C ALA A 214 0.05 22.69 6.32
N ASN A 215 -1.15 22.11 6.41
CA ASN A 215 -2.45 22.75 6.02
C ASN A 215 -2.76 22.87 4.53
N SER A 216 -1.85 22.37 3.70
CA SER A 216 -2.19 21.84 2.38
C SER A 216 -2.07 20.31 2.44
N ILE A 217 -1.95 19.82 3.67
CA ILE A 217 -2.02 18.41 4.00
C ILE A 217 -3.26 18.29 4.87
N PRO A 218 -4.25 17.52 4.41
CA PRO A 218 -5.46 17.37 5.19
C PRO A 218 -5.18 17.03 6.63
N MET A 219 -4.26 16.12 6.90
CA MET A 219 -3.95 15.78 8.31
C MET A 219 -3.29 16.88 9.12
N GLY A 220 -2.71 17.87 8.46
CA GLY A 220 -2.25 19.09 9.09
C GLY A 220 -0.88 18.97 9.72
N ARG A 221 -0.08 18.02 9.27
CA ARG A 221 1.26 17.85 9.84
C ARG A 221 2.12 17.04 8.91
N PHE A 222 3.43 17.16 9.07
CA PHE A 222 4.37 16.32 8.34
C PHE A 222 4.42 14.92 8.92
N GLY A 223 4.81 13.96 8.09
CA GLY A 223 4.92 12.57 8.52
C GLY A 223 6.11 12.35 9.44
N THR A 224 6.08 11.25 10.18
CA THR A 224 7.23 10.80 10.96
C THR A 224 7.76 9.54 10.28
N VAL A 225 9.05 9.28 10.50
CA VAL A 225 9.68 8.11 9.88
C VAL A 225 8.97 6.85 10.29
N GLN A 226 8.53 6.78 11.55
CA GLN A 226 7.77 5.62 12.01
C GLN A 226 6.48 5.42 11.22
N GLU A 227 5.96 6.49 10.57
CA GLU A 227 4.76 6.39 9.70
C GLU A 227 5.05 5.96 8.24
N LEU A 228 6.32 5.99 7.84
CA LEU A 228 6.75 5.54 6.52
C LEU A 228 7.29 4.11 6.48
N ALA A 229 7.85 3.65 7.59
CA ALA A 229 8.49 2.33 7.62
C ALA A 229 7.54 1.18 7.29
N PRO A 230 6.36 1.13 7.92
CA PRO A 230 5.48 -0.03 7.67
C PRO A 230 5.24 -0.34 6.19
N ALA A 231 5.09 0.69 5.37
CA ALA A 231 4.82 0.48 3.96
C ALA A 231 5.96 -0.27 3.28
N TYR A 232 7.19 0.02 3.71
CA TYR A 232 8.35 -0.65 3.15
C TYR A 232 8.32 -2.12 3.56
N VAL A 233 8.00 -2.34 4.83
CA VAL A 233 7.85 -3.70 5.31
C VAL A 233 6.88 -4.45 4.37
N PHE A 234 5.74 -3.83 4.11
CA PHE A 234 4.65 -4.40 3.30
C PHE A 234 5.10 -4.82 1.93
N PHE A 235 5.81 -3.93 1.25
CA PHE A 235 6.25 -4.23 -0.10
C PHE A 235 7.39 -5.24 -0.07
N ALA A 236 8.05 -5.35 1.10
CA ALA A 236 9.20 -6.25 1.28
C ALA A 236 8.78 -7.71 1.43
N SER A 237 7.74 -7.97 2.22
CA SER A 237 7.20 -9.34 2.39
C SER A 237 6.45 -9.87 1.19
N HIS A 238 6.83 -11.03 0.69
CA HIS A 238 6.14 -11.64 -0.45
C HIS A 238 4.75 -12.14 -0.02
N ALA A 239 4.67 -12.62 1.21
CA ALA A 239 3.40 -13.10 1.77
C ALA A 239 2.35 -12.00 1.81
N ALA A 240 2.80 -10.74 1.94
CA ALA A 240 1.84 -9.64 2.13
C ALA A 240 1.54 -8.91 0.82
N SER A 241 2.46 -8.93 -0.13
CA SER A 241 2.35 -8.06 -1.30
C SER A 241 2.88 -8.77 -2.53
N GLY A 242 2.71 -10.09 -2.55
CA GLY A 242 3.31 -10.95 -3.56
C GLY A 242 2.72 -10.78 -4.92
N TYR A 243 1.43 -10.47 -4.97
CA TYR A 243 0.74 -10.17 -6.24
C TYR A 243 0.84 -8.68 -6.72
N ILE A 244 1.41 -7.82 -5.88
CA ILE A 244 1.53 -6.37 -6.17
C ILE A 244 2.87 -6.02 -6.80
N THR A 245 2.86 -5.41 -7.97
CA THR A 245 4.10 -4.93 -8.58
C THR A 245 3.84 -3.76 -9.52
N GLY A 246 4.82 -2.87 -9.61
CA GLY A 246 4.67 -1.61 -10.34
C GLY A 246 3.67 -0.61 -9.76
N GLN A 247 3.46 -0.67 -8.46
CA GLN A 247 2.56 0.27 -7.80
C GLN A 247 3.35 1.32 -6.99
N ILE A 248 2.65 2.44 -6.71
CA ILE A 248 3.20 3.54 -5.91
C ILE A 248 2.29 3.85 -4.71
N LEU A 249 2.80 3.68 -3.51
CA LEU A 249 2.02 4.05 -2.36
C LEU A 249 2.48 5.40 -1.83
N ASP A 250 1.57 6.37 -1.86
CA ASP A 250 1.87 7.71 -1.37
C ASP A 250 1.54 7.80 0.11
N VAL A 251 2.53 8.24 0.88
CA VAL A 251 2.39 8.29 2.34
C VAL A 251 2.59 9.74 2.69
N ASN A 252 1.52 10.53 2.59
CA ASN A 252 1.60 11.99 2.59
C ASN A 252 0.48 12.76 3.34
N GLY A 253 -0.40 12.04 4.02
CA GLY A 253 -1.39 12.66 4.90
C GLY A 253 -2.52 13.26 4.10
N GLY A 254 -2.75 12.71 2.91
CA GLY A 254 -3.76 13.21 1.98
C GLY A 254 -3.26 14.34 1.08
N GLN A 255 -1.99 14.72 1.22
CA GLN A 255 -1.46 15.86 0.51
C GLN A 255 -1.67 15.81 -1.01
N ILE A 256 -1.57 14.63 -1.58
CA ILE A 256 -2.06 14.40 -2.91
C ILE A 256 -2.74 13.03 -2.89
N CYS A 257 -3.92 12.98 -3.51
CA CYS A 257 -4.72 11.80 -3.65
C CYS A 257 -4.83 11.48 -5.13
N PRO A 258 -3.90 10.69 -5.65
CA PRO A 258 -3.87 10.47 -7.09
C PRO A 258 -4.92 9.53 -7.58
N MET B 1 3.19 -7.07 13.30
CA MET B 1 2.70 -6.08 14.31
C MET B 1 1.50 -5.34 13.75
N PHE B 2 0.33 -5.91 13.97
CA PHE B 2 -0.93 -5.25 13.72
C PHE B 2 -1.72 -5.30 15.02
N SER B 3 -1.02 -5.20 16.14
CA SER B 3 -1.63 -5.50 17.44
C SER B 3 -2.72 -4.51 17.82
N ASP B 4 -2.66 -3.30 17.24
CA ASP B 4 -3.70 -2.30 17.45
C ASP B 4 -5.05 -2.68 16.84
N LEU B 5 -5.07 -3.71 15.99
CA LEU B 5 -6.32 -4.29 15.54
C LEU B 5 -7.08 -5.11 16.61
N LYS B 6 -6.48 -5.37 17.77
CA LYS B 6 -7.20 -6.06 18.85
C LYS B 6 -8.50 -5.32 19.22
N GLY B 7 -9.62 -6.03 19.16
CA GLY B 7 -10.92 -5.50 19.54
C GLY B 7 -11.51 -4.46 18.60
N LYS B 8 -10.92 -4.24 17.42
CA LYS B 8 -11.42 -3.23 16.47
C LYS B 8 -12.70 -3.74 15.83
N ARG B 9 -13.73 -2.88 15.83
CA ARG B 9 -14.99 -3.30 15.28
C ARG B 9 -15.06 -2.94 13.80
N ILE B 10 -15.13 -3.96 12.96
CA ILE B 10 -14.88 -3.83 11.55
C ILE B 10 -16.05 -4.39 10.77
N LEU B 11 -16.95 -3.52 10.36
CA LEU B 11 -18.10 -3.89 9.53
C LEU B 11 -17.66 -4.02 8.09
N ILE B 12 -17.92 -5.17 7.47
CA ILE B 12 -17.51 -5.40 6.09
C ILE B 12 -18.71 -5.77 5.27
N THR B 13 -18.88 -5.15 4.11
CA THR B 13 -20.03 -5.45 3.28
C THR B 13 -19.56 -6.47 2.28
N GLY B 14 -20.49 -7.24 1.75
CA GLY B 14 -20.14 -8.28 0.78
C GLY B 14 -19.06 -9.21 1.31
N SER B 15 -19.24 -9.72 2.54
CA SER B 15 -18.19 -10.46 3.23
C SER B 15 -18.43 -11.96 3.53
N THR B 16 -19.53 -12.55 3.06
CA THR B 16 -19.73 -14.00 3.28
C THR B 16 -18.87 -14.88 2.37
N GLU B 17 -18.36 -14.34 1.28
CA GLU B 17 -17.36 -15.07 0.52
C GLU B 17 -16.37 -14.14 -0.16
N GLY B 18 -15.52 -14.73 -1.01
CA GLY B 18 -14.53 -14.03 -1.80
C GLY B 18 -13.62 -13.18 -0.94
N ILE B 19 -13.12 -12.11 -1.56
CA ILE B 19 -12.21 -11.15 -0.94
C ILE B 19 -12.72 -10.70 0.43
N GLY B 20 -14.03 -10.54 0.55
CA GLY B 20 -14.63 -10.10 1.80
C GLY B 20 -14.42 -11.03 2.98
N MET B 21 -14.62 -12.33 2.75
CA MET B 21 -14.44 -13.33 3.82
C MET B 21 -12.96 -13.39 4.13
N ALA B 22 -12.15 -13.50 3.07
CA ALA B 22 -10.72 -13.66 3.22
C ALA B 22 -10.19 -12.57 4.13
N THR B 23 -10.66 -11.36 3.86
CA THR B 23 -10.25 -10.16 4.57
C THR B 23 -10.75 -10.18 6.02
N ALA B 24 -12.00 -10.61 6.20
CA ALA B 24 -12.54 -10.76 7.55
C ALA B 24 -11.64 -11.68 8.36
N ILE B 25 -11.35 -12.86 7.79
CA ILE B 25 -10.47 -13.82 8.44
C ILE B 25 -9.16 -13.15 8.85
N GLU B 26 -8.42 -12.63 7.88
CA GLU B 26 -7.12 -12.02 8.17
C GLU B 26 -7.19 -10.96 9.28
N LEU B 27 -8.26 -10.17 9.30
CA LEU B 27 -8.44 -9.18 10.35
C LEU B 27 -8.74 -9.87 11.67
N ALA B 28 -9.52 -10.94 11.59
CA ALA B 28 -9.88 -11.70 12.77
C ALA B 28 -8.61 -12.26 13.43
N ARG B 29 -7.61 -12.64 12.63
CA ARG B 29 -6.28 -13.01 13.17
C ARG B 29 -5.68 -12.03 14.17
N TYR B 30 -6.10 -10.75 14.18
CA TYR B 30 -5.50 -9.76 15.10
C TYR B 30 -6.48 -9.28 16.18
N GLY B 31 -7.53 -10.07 16.40
CA GLY B 31 -8.48 -9.81 17.47
C GLY B 31 -9.50 -8.79 17.08
N ALA B 32 -9.90 -8.81 15.81
CA ALA B 32 -10.91 -7.89 15.32
C ALA B 32 -12.30 -8.54 15.44
N VAL B 33 -13.25 -7.71 15.83
CA VAL B 33 -14.64 -8.09 15.94
C VAL B 33 -15.30 -7.62 14.63
N VAL B 34 -15.52 -8.56 13.73
CA VAL B 34 -15.88 -8.29 12.37
C VAL B 34 -17.37 -8.48 12.13
N GLY B 35 -17.98 -7.61 11.30
CA GLY B 35 -19.35 -7.76 10.84
C GLY B 35 -19.39 -8.31 9.43
N LEU B 36 -19.82 -9.56 9.28
CA LEU B 36 -19.99 -10.17 7.97
C LEU B 36 -21.38 -9.80 7.46
N ASN B 37 -21.57 -9.92 6.15
CA ASN B 37 -22.70 -9.27 5.46
C ASN B 37 -22.96 -9.83 4.08
N SER B 38 -24.24 -9.96 3.76
CA SER B 38 -24.70 -10.29 2.42
C SER B 38 -26.20 -10.02 2.31
N HIS B 39 -26.67 -9.81 1.09
CA HIS B 39 -28.11 -9.78 0.79
C HIS B 39 -28.78 -11.14 1.10
N VAL B 40 -28.14 -12.24 0.73
CA VAL B 40 -28.65 -13.60 0.95
C VAL B 40 -28.02 -14.24 2.23
N ASP B 41 -28.81 -14.96 3.03
CA ASP B 41 -28.26 -15.77 4.13
C ASP B 41 -27.34 -16.85 3.51
N PRO B 42 -26.16 -17.08 4.12
CA PRO B 42 -25.29 -18.15 3.62
C PRO B 42 -25.71 -19.52 4.17
N ALA B 43 -25.15 -20.58 3.59
CA ALA B 43 -25.48 -21.94 4.02
C ALA B 43 -25.12 -22.15 5.51
N ASP B 44 -23.89 -21.86 5.90
CA ASP B 44 -23.42 -22.18 7.26
C ASP B 44 -22.83 -20.95 7.97
N PRO B 45 -23.68 -20.10 8.54
CA PRO B 45 -23.31 -18.91 9.33
C PRO B 45 -22.21 -19.10 10.38
N ALA B 46 -22.35 -20.13 11.21
CA ALA B 46 -21.48 -20.34 12.36
C ALA B 46 -20.09 -20.86 12.00
N LEU B 47 -19.93 -21.51 10.83
CA LEU B 47 -18.58 -21.83 10.31
C LEU B 47 -17.81 -20.54 10.18
N LEU B 48 -18.50 -19.56 9.62
CA LEU B 48 -17.92 -18.29 9.30
C LEU B 48 -17.49 -17.59 10.60
N LEU B 49 -18.38 -17.49 11.60
CA LEU B 49 -17.94 -17.05 12.95
C LEU B 49 -16.81 -17.92 13.50
N GLY B 50 -16.92 -19.21 13.24
CA GLY B 50 -15.85 -20.17 13.53
C GLY B 50 -14.50 -19.76 12.97
N LYS B 51 -14.44 -19.54 11.66
CA LYS B 51 -13.21 -19.05 11.02
C LYS B 51 -12.64 -17.80 11.65
N LEU B 52 -13.52 -16.89 12.09
CA LEU B 52 -13.08 -15.64 12.73
C LEU B 52 -12.51 -15.98 14.08
N ARG B 53 -13.21 -16.89 14.76
CA ARG B 53 -12.89 -17.22 16.13
C ARG B 53 -11.65 -18.11 16.18
N GLU B 54 -11.62 -19.13 15.32
CA GLU B 54 -10.40 -19.91 15.03
C GLU B 54 -9.20 -19.00 14.78
N ALA B 55 -9.34 -18.07 13.84
CA ALA B 55 -8.23 -17.20 13.44
C ALA B 55 -7.70 -16.35 14.58
N GLY B 56 -8.55 -16.02 15.56
CA GLY B 56 -8.10 -15.24 16.72
C GLY B 56 -9.02 -14.13 17.18
N GLY B 57 -10.19 -14.03 16.56
CA GLY B 57 -11.10 -12.92 16.85
C GLY B 57 -12.54 -13.33 17.07
N ASP B 58 -13.45 -12.40 16.79
CA ASP B 58 -14.87 -12.62 16.95
C ASP B 58 -15.67 -11.95 15.81
N GLY B 59 -17.01 -12.05 15.87
CA GLY B 59 -17.86 -11.39 14.89
C GLY B 59 -19.32 -11.81 14.93
N ALA B 60 -20.04 -11.47 13.86
CA ALA B 60 -21.47 -11.72 13.74
C ALA B 60 -21.89 -11.47 12.29
N PHE B 61 -22.89 -12.20 11.82
CA PHE B 61 -23.42 -12.01 10.47
C PHE B 61 -24.68 -11.12 10.49
N PHE B 62 -24.79 -10.22 9.51
CA PHE B 62 -25.99 -9.40 9.30
C PHE B 62 -26.46 -9.50 7.85
N ARG B 63 -27.70 -9.95 7.64
CA ARG B 63 -28.32 -9.93 6.32
C ARG B 63 -28.80 -8.50 6.06
N ALA B 64 -28.60 -8.04 4.82
CA ALA B 64 -29.01 -6.71 4.40
C ALA B 64 -28.71 -6.54 2.90
N ASP B 65 -29.58 -5.83 2.19
CA ASP B 65 -29.36 -5.53 0.79
C ASP B 65 -28.94 -4.05 0.65
N ILE B 66 -27.66 -3.84 0.38
CA ILE B 66 -27.08 -2.48 0.42
C ILE B 66 -27.33 -1.63 -0.83
N THR B 67 -27.82 -2.24 -1.91
CA THR B 67 -28.34 -1.49 -3.05
C THR B 67 -29.54 -0.65 -2.63
N LYS B 68 -29.95 -0.73 -1.36
CA LYS B 68 -31.04 0.09 -0.86
C LYS B 68 -30.61 0.87 0.35
N THR B 69 -31.05 2.11 0.40
CA THR B 69 -30.55 3.06 1.38
C THR B 69 -31.09 2.80 2.79
N ALA B 70 -32.33 2.33 2.90
CA ALA B 70 -32.90 2.00 4.21
C ALA B 70 -32.16 0.81 4.81
N GLU B 71 -31.88 -0.19 3.98
CA GLU B 71 -31.06 -1.35 4.35
C GLU B 71 -29.66 -1.01 4.88
N CYS B 72 -29.02 -0.03 4.24
CA CYS B 72 -27.73 0.47 4.69
C CYS B 72 -27.85 1.06 6.08
N GLN B 73 -28.86 1.91 6.30
CA GLN B 73 -29.06 2.50 7.60
C GLN B 73 -29.24 1.44 8.66
N ARG B 74 -29.96 0.39 8.27
CA ARG B 74 -30.36 -0.66 9.19
C ARG B 74 -29.11 -1.44 9.65
N LEU B 75 -28.32 -1.86 8.66
CA LEU B 75 -27.07 -2.57 8.87
C LEU B 75 -26.12 -1.85 9.84
N VAL B 76 -25.91 -0.57 9.61
CA VAL B 76 -25.10 0.25 10.53
C VAL B 76 -25.74 0.30 11.94
N SER B 77 -27.06 0.45 12.01
CA SER B 77 -27.75 0.43 13.30
C SER B 77 -27.71 -0.97 13.98
N ALA B 78 -27.85 -2.03 13.19
CA ALA B 78 -27.75 -3.39 13.71
C ALA B 78 -26.36 -3.65 14.30
N PHE B 79 -25.34 -3.40 13.47
CA PHE B 79 -23.95 -3.60 13.86
C PHE B 79 -23.63 -2.85 15.14
N VAL B 80 -24.12 -1.61 15.24
CA VAL B 80 -23.87 -0.81 16.44
C VAL B 80 -24.62 -1.34 17.67
N GLU B 81 -25.83 -1.89 17.45
CA GLU B 81 -26.63 -2.43 18.53
C GLU B 81 -25.86 -3.59 19.14
N ARG B 82 -25.28 -4.43 18.29
CA ARG B 82 -24.49 -5.56 18.71
C ARG B 82 -23.14 -5.18 19.37
N PHE B 83 -22.35 -4.30 18.74
CA PHE B 83 -20.97 -4.04 19.18
C PHE B 83 -20.70 -2.63 19.70
N ASP B 84 -21.71 -1.77 19.69
CA ASP B 84 -21.65 -0.42 20.29
C ASP B 84 -20.78 0.59 19.53
N GLY B 85 -20.38 0.26 18.30
CA GLY B 85 -19.51 1.16 17.56
C GLY B 85 -18.99 0.61 16.24
N ILE B 86 -18.39 1.52 15.46
CA ILE B 86 -17.58 1.15 14.28
C ILE B 86 -16.22 1.84 14.33
N ASP B 87 -15.19 1.05 14.12
CA ASP B 87 -13.82 1.52 14.09
C ASP B 87 -13.28 1.46 12.67
N VAL B 88 -13.72 0.46 11.92
CA VAL B 88 -13.38 0.36 10.53
C VAL B 88 -14.60 -0.09 9.77
N LEU B 89 -14.78 0.52 8.60
CA LEU B 89 -15.82 0.12 7.67
C LEU B 89 -15.13 -0.25 6.39
N ILE B 90 -15.57 -1.33 5.78
CA ILE B 90 -14.97 -1.78 4.55
C ILE B 90 -16.08 -1.96 3.55
N ASN B 91 -16.13 -1.10 2.54
CA ASN B 91 -17.14 -1.12 1.47
C ASN B 91 -16.66 -2.07 0.42
N ASN B 92 -16.88 -3.37 0.62
CA ASN B 92 -16.43 -4.36 -0.35
C ASN B 92 -17.50 -4.87 -1.32
N ALA B 93 -18.76 -4.83 -0.91
CA ALA B 93 -19.85 -5.14 -1.83
C ALA B 93 -19.77 -4.41 -3.17
N GLY B 94 -20.11 -5.09 -4.25
CA GLY B 94 -20.05 -4.50 -5.58
C GLY B 94 -19.83 -5.57 -6.62
N GLY B 95 -19.99 -5.23 -7.88
CA GLY B 95 -19.77 -6.20 -8.95
C GLY B 95 -20.37 -5.73 -10.24
N LEU B 96 -20.18 -6.51 -11.31
CA LEU B 96 -20.68 -6.18 -12.63
C LEU B 96 -22.21 -6.04 -12.67
N ALA B 97 -22.92 -7.00 -12.05
CA ALA B 97 -24.39 -7.07 -12.10
C ALA B 97 -24.93 -7.10 -13.54
N GLY B 98 -24.28 -7.89 -14.38
CA GLY B 98 -24.65 -7.98 -15.80
C GLY B 98 -23.60 -7.36 -16.68
N ARG B 99 -23.72 -7.59 -17.97
CA ARG B 99 -22.87 -6.97 -18.98
C ARG B 99 -23.81 -6.42 -20.05
N SER B 100 -23.52 -5.25 -20.59
CA SER B 100 -24.32 -4.74 -21.70
C SER B 100 -23.56 -3.72 -22.55
N ASN B 101 -23.65 -3.89 -23.85
CA ASN B 101 -23.11 -2.91 -24.74
C ASN B 101 -23.96 -1.64 -24.63
N LEU B 102 -23.34 -0.51 -24.97
CA LEU B 102 -23.97 0.79 -24.86
C LEU B 102 -25.35 0.81 -25.51
N GLU B 103 -25.43 0.35 -26.75
CA GLU B 103 -26.67 0.45 -27.54
C GLU B 103 -27.79 -0.34 -26.90
N ASN B 104 -27.46 -1.31 -26.04
CA ASN B 104 -28.46 -2.10 -25.31
C ASN B 104 -28.69 -1.69 -23.85
N ILE B 105 -28.14 -0.55 -23.42
CA ILE B 105 -28.31 -0.12 -22.03
C ILE B 105 -29.61 0.64 -21.80
N ASP B 106 -30.45 0.12 -20.92
CA ASP B 106 -31.63 0.85 -20.48
C ASP B 106 -31.45 1.45 -19.07
N ASP B 107 -32.43 2.20 -18.61
CA ASP B 107 -32.39 2.75 -17.25
C ASP B 107 -32.23 1.68 -16.18
N ALA B 108 -32.88 0.54 -16.35
CA ALA B 108 -32.87 -0.54 -15.35
C ALA B 108 -31.47 -1.08 -15.13
N PHE B 109 -30.72 -1.25 -16.21
CA PHE B 109 -29.34 -1.71 -16.14
C PHE B 109 -28.46 -0.71 -15.36
N TYR B 110 -28.40 0.51 -15.89
CA TYR B 110 -27.76 1.61 -15.22
C TYR B 110 -28.17 1.68 -13.76
N ASP B 111 -29.46 1.65 -13.46
CA ASP B 111 -29.85 1.74 -12.04
C ASP B 111 -29.31 0.56 -11.22
N ARG B 112 -29.30 -0.62 -11.83
CA ARG B 112 -28.85 -1.81 -11.11
C ARG B 112 -27.36 -1.68 -10.77
N VAL B 113 -26.56 -1.41 -11.79
CA VAL B 113 -25.12 -1.24 -11.58
C VAL B 113 -24.73 -0.13 -10.60
N MET B 114 -25.38 1.02 -10.67
CA MET B 114 -24.97 2.16 -9.85
C MET B 114 -25.49 2.04 -8.43
N ASP B 115 -26.62 1.37 -8.26
CA ASP B 115 -27.14 1.13 -6.93
C ASP B 115 -26.19 0.19 -6.18
N LEU B 116 -25.66 -0.79 -6.89
CA LEU B 116 -24.76 -1.78 -6.33
C LEU B 116 -23.39 -1.20 -6.00
N ASN B 117 -22.80 -0.43 -6.92
CA ASN B 117 -21.46 0.17 -6.77
C ASN B 117 -21.35 1.65 -6.32
N GLY B 118 -22.37 2.47 -6.54
CA GLY B 118 -22.35 3.86 -6.13
C GLY B 118 -23.17 4.15 -4.88
N ARG B 119 -24.48 4.03 -4.99
CA ARG B 119 -25.38 4.34 -3.86
C ARG B 119 -24.98 3.58 -2.60
N SER B 120 -24.71 2.29 -2.76
CA SER B 120 -24.34 1.45 -1.62
C SER B 120 -23.21 2.07 -0.83
N VAL B 121 -22.11 2.30 -1.53
CA VAL B 121 -20.88 2.82 -0.94
C VAL B 121 -21.16 4.15 -0.23
N LEU B 122 -21.88 5.01 -0.94
CA LEU B 122 -22.17 6.32 -0.47
C LEU B 122 -22.90 6.24 0.83
N MET B 123 -23.92 5.38 0.85
CA MET B 123 -24.85 5.39 1.96
C MET B 123 -24.28 4.67 3.19
N MET B 124 -23.69 3.53 2.95
CA MET B 124 -22.94 2.85 4.00
C MET B 124 -21.96 3.82 4.68
N THR B 125 -21.26 4.60 3.84
CA THR B 125 -20.24 5.48 4.37
C THR B 125 -20.95 6.60 5.12
N LYS B 126 -21.99 7.14 4.50
CA LYS B 126 -22.77 8.19 5.16
C LYS B 126 -23.20 7.74 6.56
N PHE B 127 -23.86 6.60 6.67
CA PHE B 127 -24.38 6.20 7.99
C PHE B 127 -23.29 5.85 9.01
N ALA B 128 -22.15 5.33 8.55
CA ALA B 128 -21.04 5.01 9.47
C ALA B 128 -20.32 6.22 10.04
N ILE B 129 -20.27 7.31 9.28
CA ILE B 129 -19.43 8.46 9.64
C ILE B 129 -19.45 8.82 11.13
N PRO B 130 -20.64 9.07 11.73
CA PRO B 130 -20.63 9.61 13.11
C PRO B 130 -20.12 8.58 14.11
N HIS B 131 -20.27 7.30 13.75
CA HIS B 131 -19.72 6.21 14.53
C HIS B 131 -18.22 6.17 14.42
N LEU B 132 -17.71 6.26 13.20
CA LEU B 132 -16.28 6.35 12.96
C LEU B 132 -15.73 7.64 13.55
N ARG B 133 -16.50 8.73 13.46
CA ARG B 133 -16.09 9.98 14.10
C ARG B 133 -15.83 9.76 15.59
N ALA B 134 -16.77 9.07 16.26
CA ALA B 134 -16.71 8.84 17.72
C ALA B 134 -15.59 7.89 18.15
N SER B 135 -15.35 6.84 17.35
CA SER B 135 -14.28 5.90 17.64
C SER B 135 -12.92 6.61 17.77
N ALA B 136 -12.61 7.46 16.79
CA ALA B 136 -11.30 8.09 16.72
C ALA B 136 -11.17 9.16 17.80
N LYS B 137 -12.27 9.81 18.12
CA LYS B 137 -12.31 10.72 19.28
C LYS B 137 -11.86 9.98 20.54
N ALA B 138 -12.38 8.76 20.72
CA ALA B 138 -12.10 7.91 21.88
C ALA B 138 -10.71 7.29 21.83
N SER B 139 -10.38 6.56 20.77
CA SER B 139 -9.03 5.96 20.64
C SER B 139 -7.88 6.98 20.78
N GLY B 140 -8.09 8.21 20.31
CA GLY B 140 -6.99 9.17 20.18
C GLY B 140 -6.29 9.03 18.82
N THR B 141 -6.55 7.95 18.07
CA THR B 141 -5.84 7.69 16.82
C THR B 141 -6.74 8.08 15.63
N THR B 142 -6.86 7.19 14.65
CA THR B 142 -7.79 7.38 13.54
C THR B 142 -8.69 6.16 13.35
N SER B 143 -9.92 6.40 12.88
CA SER B 143 -10.77 5.32 12.42
C SER B 143 -10.57 5.23 10.93
N ALA B 144 -11.25 4.30 10.26
CA ALA B 144 -10.89 4.02 8.88
C ALA B 144 -12.02 3.50 8.00
N VAL B 145 -12.07 4.02 6.76
CA VAL B 145 -12.86 3.41 5.70
C VAL B 145 -11.92 2.82 4.70
N ILE B 146 -12.25 1.62 4.22
CA ILE B 146 -11.57 1.02 3.08
C ILE B 146 -12.67 0.58 2.13
N SER B 147 -12.41 0.67 0.83
CA SER B 147 -13.40 0.36 -0.20
C SER B 147 -12.71 -0.37 -1.32
N THR B 148 -13.44 -1.22 -2.01
CA THR B 148 -12.83 -2.10 -2.99
C THR B 148 -13.04 -1.49 -4.34
N GLY B 149 -11.95 -1.05 -4.96
CA GLY B 149 -12.04 -0.35 -6.21
C GLY B 149 -11.95 -1.31 -7.36
N SER B 150 -11.22 -0.92 -8.41
CA SER B 150 -10.96 -1.80 -9.51
C SER B 150 -9.97 -1.22 -10.53
N ILE B 151 -9.25 -2.09 -11.21
CA ILE B 151 -8.47 -1.68 -12.36
C ILE B 151 -9.34 -0.86 -13.30
N ALA B 152 -10.61 -1.25 -13.41
CA ALA B 152 -11.55 -0.70 -14.39
C ALA B 152 -11.77 0.82 -14.27
N ALA B 153 -11.63 1.33 -13.05
CA ALA B 153 -11.69 2.76 -12.81
C ALA B 153 -10.63 3.49 -13.63
N ARG B 154 -9.50 2.87 -13.90
CA ARG B 154 -8.40 3.58 -14.56
C ARG B 154 -8.41 3.47 -16.06
N GLU B 155 -8.74 2.28 -16.58
CA GLU B 155 -8.54 2.01 -18.02
C GLU B 155 -9.86 1.74 -18.75
N GLY B 156 -10.97 1.87 -18.05
CA GLY B 156 -12.29 1.88 -18.68
C GLY B 156 -13.03 0.58 -18.59
N GLY B 157 -12.39 -0.45 -18.05
CA GLY B 157 -12.96 -1.80 -18.03
C GLY B 157 -13.03 -2.39 -19.43
N GLY B 158 -13.86 -3.42 -19.57
CA GLY B 158 -14.03 -4.13 -20.85
C GLY B 158 -15.35 -3.84 -21.54
N ILE B 159 -15.39 -4.13 -22.84
CA ILE B 159 -16.60 -3.94 -23.61
C ILE B 159 -17.79 -4.57 -22.89
N GLY B 160 -18.84 -3.79 -22.69
CA GLY B 160 -20.04 -4.27 -22.03
C GLY B 160 -20.12 -3.96 -20.56
N ALA B 161 -19.05 -3.40 -20.00
CA ALA B 161 -18.99 -3.15 -18.57
C ALA B 161 -18.68 -1.68 -18.25
N GLY B 162 -18.92 -0.79 -19.23
CA GLY B 162 -18.70 0.64 -19.05
C GLY B 162 -19.24 1.19 -17.75
N VAL B 163 -20.47 0.82 -17.39
CA VAL B 163 -21.09 1.41 -16.22
C VAL B 163 -20.38 0.96 -14.96
N TYR B 164 -19.96 -0.30 -14.92
CA TYR B 164 -19.25 -0.82 -13.75
C TYR B 164 -17.93 -0.07 -13.66
N ALA B 165 -17.24 0.03 -14.79
CA ALA B 165 -15.95 0.71 -14.85
C ALA B 165 -16.07 2.10 -14.26
N ALA B 166 -17.01 2.86 -14.80
CA ALA B 166 -17.23 4.24 -14.41
C ALA B 166 -17.67 4.35 -12.96
N SER B 167 -18.45 3.37 -12.50
CA SER B 167 -18.85 3.30 -11.08
C SER B 167 -17.63 3.20 -10.20
N LYS B 168 -16.59 2.55 -10.69
CA LYS B 168 -15.41 2.38 -9.88
C LYS B 168 -14.56 3.64 -9.90
N ALA B 169 -14.40 4.25 -11.08
CA ALA B 169 -13.81 5.61 -11.21
C ALA B 169 -14.50 6.65 -10.32
N TRP B 170 -15.82 6.52 -10.23
CA TRP B 170 -16.69 7.32 -9.39
C TRP B 170 -16.28 7.17 -7.93
N LEU B 171 -16.15 5.92 -7.48
CA LEU B 171 -15.72 5.60 -6.12
C LEU B 171 -14.32 6.14 -5.83
N HIS B 172 -13.36 5.78 -6.69
CA HIS B 172 -12.01 6.30 -6.53
C HIS B 172 -12.06 7.81 -6.26
N ASP B 173 -12.79 8.53 -7.11
CA ASP B 173 -12.79 9.95 -6.99
C ASP B 173 -13.58 10.47 -5.80
N ILE B 174 -14.68 9.83 -5.42
CA ILE B 174 -15.43 10.34 -4.28
C ILE B 174 -14.69 10.15 -2.97
N HIS B 175 -13.83 9.16 -2.93
CA HIS B 175 -12.91 8.99 -1.81
C HIS B 175 -12.00 10.20 -1.61
N ARG B 176 -11.63 10.84 -2.71
CA ARG B 176 -10.86 12.07 -2.66
C ARG B 176 -11.76 13.12 -2.06
N ASN B 177 -13.02 13.20 -2.49
CA ASN B 177 -13.90 14.16 -1.81
C ASN B 177 -13.92 13.94 -0.31
N TRP B 178 -14.04 12.70 0.12
CA TRP B 178 -14.26 12.46 1.56
C TRP B 178 -13.02 12.80 2.37
N VAL B 179 -11.84 12.61 1.79
CA VAL B 179 -10.62 12.99 2.46
C VAL B 179 -10.72 14.45 2.86
N LYS B 180 -11.22 15.30 1.95
CA LYS B 180 -11.33 16.72 2.26
C LYS B 180 -12.31 16.97 3.39
N GLU B 181 -13.43 16.27 3.39
CA GLU B 181 -14.48 16.63 4.36
C GLU B 181 -14.19 16.12 5.75
N PHE B 182 -13.56 14.96 5.82
CA PHE B 182 -13.53 14.14 7.00
C PHE B 182 -12.17 13.89 7.64
N THR B 183 -11.09 14.30 6.99
CA THR B 183 -9.77 14.11 7.57
C THR B 183 -9.69 14.80 8.94
N LYS B 184 -10.42 15.89 9.10
CA LYS B 184 -10.39 16.60 10.35
C LYS B 184 -11.14 15.87 11.45
N ASP B 185 -11.95 14.86 11.09
CA ASP B 185 -12.56 13.95 12.07
C ASP B 185 -11.69 12.73 12.32
N SER B 186 -10.48 12.75 11.81
CA SER B 186 -9.53 11.66 11.98
C SER B 186 -9.99 10.34 11.38
N ILE B 187 -10.73 10.44 10.27
CA ILE B 187 -11.19 9.28 9.54
C ILE B 187 -10.42 9.16 8.23
N ARG B 188 -9.67 8.07 8.05
CA ARG B 188 -8.90 7.84 6.81
C ARG B 188 -9.72 7.07 5.81
N PHE B 189 -9.40 7.24 4.53
CA PHE B 189 -10.07 6.56 3.42
C PHE B 189 -9.02 6.06 2.46
N ASN B 190 -9.01 4.75 2.19
CA ASN B 190 -8.12 4.19 1.19
C ASN B 190 -8.84 3.10 0.42
N ILE B 191 -8.27 2.75 -0.71
CA ILE B 191 -8.90 1.87 -1.65
C ILE B 191 -7.92 0.79 -2.02
N VAL B 192 -8.45 -0.42 -2.11
CA VAL B 192 -7.74 -1.56 -2.60
C VAL B 192 -8.35 -1.81 -3.92
N ALA B 193 -7.55 -1.86 -4.96
CA ALA B 193 -8.08 -1.99 -6.30
C ALA B 193 -7.62 -3.29 -6.94
N PRO B 194 -8.46 -4.35 -6.85
CA PRO B 194 -8.15 -5.61 -7.52
C PRO B 194 -8.00 -5.39 -9.00
N GLY B 195 -7.11 -6.13 -9.66
CA GLY B 195 -7.14 -6.26 -11.14
C GLY B 195 -8.25 -7.24 -11.46
N THR B 196 -8.22 -7.85 -12.64
CA THR B 196 -9.32 -8.77 -13.03
C THR B 196 -9.41 -10.08 -12.20
N ALA B 214 -5.30 -12.74 -19.73
CA ALA B 214 -4.23 -13.02 -18.77
C ALA B 214 -2.81 -13.06 -19.41
N ASN B 215 -2.70 -12.68 -20.68
CA ASN B 215 -1.40 -12.44 -21.34
C ASN B 215 -1.09 -10.94 -21.38
N SER B 216 -1.92 -10.17 -20.68
CA SER B 216 -1.73 -8.74 -20.48
C SER B 216 -1.42 -8.48 -19.01
N ILE B 217 -1.30 -9.56 -18.22
CA ILE B 217 -0.88 -9.46 -16.82
C ILE B 217 0.57 -9.97 -16.73
N PRO B 218 1.53 -9.07 -16.45
CA PRO B 218 2.95 -9.44 -16.38
C PRO B 218 3.26 -10.71 -15.58
N MET B 219 2.57 -10.93 -14.45
CA MET B 219 2.78 -12.13 -13.63
C MET B 219 2.11 -13.39 -14.24
N GLY B 220 1.71 -13.29 -15.51
CA GLY B 220 1.02 -14.37 -16.26
C GLY B 220 -0.20 -15.01 -15.63
N ARG B 221 -0.78 -14.43 -14.58
CA ARG B 221 -1.78 -15.13 -13.75
C ARG B 221 -2.72 -14.21 -12.97
N PHE B 222 -3.74 -14.82 -12.36
CA PHE B 222 -4.78 -14.12 -11.60
C PHE B 222 -4.43 -13.98 -10.15
N GLY B 223 -5.04 -13.00 -9.51
CA GLY B 223 -4.88 -12.79 -8.08
C GLY B 223 -5.63 -13.89 -7.37
N THR B 224 -5.42 -14.03 -6.07
CA THR B 224 -6.22 -14.90 -5.23
C THR B 224 -6.63 -14.09 -4.02
N VAL B 225 -7.80 -14.39 -3.49
CA VAL B 225 -8.28 -13.67 -2.32
C VAL B 225 -7.19 -13.58 -1.23
N GLN B 226 -6.35 -14.60 -1.13
CA GLN B 226 -5.28 -14.64 -0.11
C GLN B 226 -4.26 -13.53 -0.37
N GLU B 227 -4.00 -13.25 -1.64
CA GLU B 227 -3.10 -12.16 -2.07
C GLU B 227 -3.70 -10.73 -1.93
N LEU B 228 -5.00 -10.65 -1.63
CA LEU B 228 -5.72 -9.38 -1.55
C LEU B 228 -5.88 -8.91 -0.10
N ALA B 229 -6.24 -9.81 0.77
CA ALA B 229 -6.59 -9.46 2.15
C ALA B 229 -5.51 -8.69 2.95
N PRO B 230 -4.22 -8.99 2.71
CA PRO B 230 -3.23 -8.28 3.54
C PRO B 230 -3.33 -6.75 3.38
N ALA B 231 -3.43 -6.30 2.12
CA ALA B 231 -3.68 -4.88 1.79
C ALA B 231 -4.71 -4.24 2.71
N TYR B 232 -5.88 -4.86 2.77
CA TYR B 232 -6.95 -4.38 3.63
C TYR B 232 -6.51 -4.30 5.07
N VAL B 233 -5.69 -5.24 5.52
CA VAL B 233 -5.25 -5.24 6.92
C VAL B 233 -4.40 -4.00 7.15
N PHE B 234 -3.48 -3.77 6.21
CA PHE B 234 -2.59 -2.63 6.22
C PHE B 234 -3.33 -1.29 6.36
N PHE B 235 -4.33 -1.09 5.52
CA PHE B 235 -5.15 0.13 5.58
C PHE B 235 -6.03 0.21 6.82
N ALA B 236 -6.35 -0.95 7.38
CA ALA B 236 -7.18 -0.99 8.56
C ALA B 236 -6.46 -0.53 9.82
N SER B 237 -5.13 -0.67 9.88
CA SER B 237 -4.35 -0.38 11.11
C SER B 237 -3.73 1.02 11.21
N HIS B 238 -4.06 1.79 12.25
CA HIS B 238 -3.44 3.11 12.44
C HIS B 238 -1.90 3.04 12.57
N ALA B 239 -1.39 2.04 13.26
CA ALA B 239 0.06 1.87 13.38
C ALA B 239 0.73 1.62 12.03
N ALA B 240 0.10 0.84 11.17
CA ALA B 240 0.64 0.59 9.84
C ALA B 240 0.48 1.78 8.85
N SER B 241 -0.74 2.29 8.72
CA SER B 241 -1.11 3.22 7.66
C SER B 241 -1.74 4.51 8.20
N GLY B 242 -1.39 4.86 9.43
CA GLY B 242 -1.95 6.03 10.11
C GLY B 242 -1.77 7.38 9.43
N TYR B 243 -0.75 7.50 8.60
CA TYR B 243 -0.53 8.74 7.86
C TYR B 243 -0.93 8.60 6.40
N ILE B 244 -1.64 7.52 6.06
CA ILE B 244 -2.03 7.26 4.69
C ILE B 244 -3.53 7.46 4.52
N THR B 245 -3.89 8.36 3.61
CA THR B 245 -5.30 8.52 3.28
C THR B 245 -5.43 9.05 1.86
N GLY B 246 -6.54 8.66 1.24
CA GLY B 246 -6.83 9.05 -0.13
C GLY B 246 -6.02 8.33 -1.17
N GLN B 247 -5.59 7.12 -0.88
CA GLN B 247 -4.74 6.37 -1.80
C GLN B 247 -5.47 5.14 -2.33
N ILE B 248 -4.91 4.58 -3.40
CA ILE B 248 -5.44 3.41 -4.06
C ILE B 248 -4.29 2.48 -4.30
N LEU B 249 -4.29 1.32 -3.63
CA LEU B 249 -3.22 0.34 -3.81
C LEU B 249 -3.70 -0.69 -4.80
N ASP B 250 -3.03 -0.75 -5.95
CA ASP B 250 -3.52 -1.57 -7.03
C ASP B 250 -2.90 -2.99 -6.96
N VAL B 251 -3.73 -4.00 -6.67
CA VAL B 251 -3.25 -5.37 -6.51
C VAL B 251 -3.56 -6.25 -7.72
N ASN B 252 -2.64 -6.32 -8.67
CA ASN B 252 -2.97 -6.77 -10.02
C ASN B 252 -1.86 -7.45 -10.89
N GLY B 253 -0.79 -7.96 -10.28
CA GLY B 253 0.30 -8.56 -11.05
C GLY B 253 0.88 -7.66 -12.13
N GLY B 254 0.77 -6.35 -11.92
CA GLY B 254 1.27 -5.38 -12.89
C GLY B 254 0.35 -5.21 -14.08
N GLN B 255 -0.89 -5.68 -13.99
CA GLN B 255 -1.80 -5.57 -15.13
C GLN B 255 -1.87 -4.13 -15.62
N ILE B 256 -2.01 -3.20 -14.69
CA ILE B 256 -1.74 -1.79 -14.95
C ILE B 256 -0.78 -1.22 -13.89
N CYS B 257 0.15 -0.38 -14.36
CA CYS B 257 1.07 0.33 -13.49
C CYS B 257 0.81 1.83 -13.64
N PRO B 258 -0.03 2.38 -12.75
CA PRO B 258 -0.27 3.80 -12.80
C PRO B 258 0.81 4.50 -12.02
S SO4 C . 24.78 15.30 3.69
O1 SO4 C . 24.42 13.90 4.03
O2 SO4 C . 23.67 16.00 3.00
O3 SO4 C . 25.07 16.04 4.94
O4 SO4 C . 25.96 15.27 2.82
S SO4 D . 21.58 25.51 -1.46
O1 SO4 D . 20.84 26.40 -0.55
O2 SO4 D . 20.91 25.45 -2.78
O3 SO4 D . 21.64 24.13 -0.89
O4 SO4 D . 22.96 26.04 -1.61
S SO4 E . 15.85 9.61 4.85
O1 SO4 E . 14.51 9.91 5.40
O2 SO4 E . 15.77 9.76 3.38
O3 SO4 E . 16.83 10.60 5.40
O4 SO4 E . 16.20 8.16 5.12
S SO4 F . 23.10 9.06 2.04
O1 SO4 F . 21.68 8.82 1.68
O2 SO4 F . 23.43 10.48 1.73
O3 SO4 F . 23.26 8.81 3.50
O4 SO4 F . 23.99 8.19 1.22
PA NAD G . -17.93 -12.24 -4.95
O1A NAD G . -18.43 -13.05 -6.14
O2A NAD G . -17.71 -13.13 -3.75
O5B NAD G . -19.06 -11.11 -4.65
C5B NAD G . -20.19 -11.64 -3.93
C4B NAD G . -20.05 -11.26 -2.44
O4B NAD G . -20.69 -9.99 -2.15
C3B NAD G . -20.79 -12.28 -1.54
O3B NAD G . -20.33 -12.20 -0.18
C2B NAD G . -22.24 -11.77 -1.73
O2B NAD G . -23.14 -12.36 -0.78
C1B NAD G . -21.97 -10.25 -1.52
N9A NAD G . -23.04 -9.42 -2.09
C8A NAD G . -23.47 -9.36 -3.38
N7A NAD G . -24.45 -8.49 -3.49
C5A NAD G . -24.71 -7.96 -2.26
C6A NAD G . -25.64 -7.01 -1.75
N6A NAD G . -26.56 -6.38 -2.56
N1A NAD G . -25.59 -6.73 -0.43
C2A NAD G . -24.71 -7.31 0.39
N3A NAD G . -23.83 -8.20 -0.05
C4A NAD G . -23.81 -8.55 -1.35
O3 NAD G . -16.50 -11.58 -5.38
PN NAD G . -15.84 -10.55 -4.31
O1N NAD G . -14.41 -11.04 -4.03
O2N NAD G . -16.57 -10.47 -2.93
O5D NAD G . -15.78 -9.11 -5.05
C5D NAD G . -15.66 -8.01 -4.14
C4D NAD G . -15.23 -6.71 -4.85
O4D NAD G . -14.17 -6.98 -5.82
C3D NAD G . -16.38 -6.02 -5.64
O3D NAD G . -16.63 -4.67 -5.22
C2D NAD G . -15.89 -6.07 -7.12
O2D NAD G . -16.39 -4.97 -7.90
C1D NAD G . -14.35 -6.03 -6.92
N1N NAD G . -13.58 -6.39 -8.12
C2N NAD G . -13.37 -7.66 -8.42
C3N NAD G . -12.63 -8.03 -9.56
C7N NAD G . -12.38 -9.47 -9.87
O7N NAD G . -12.27 -9.87 -11.03
N7N NAD G . -12.23 -10.36 -8.87
C4N NAD G . -12.11 -7.00 -10.39
C5N NAD G . -12.35 -5.68 -10.04
C6N NAD G . -13.08 -5.41 -8.89
S SO4 H . -5.43 -2.68 -10.17
O1 SO4 H . -6.29 -3.72 -10.73
O2 SO4 H . -6.29 -1.62 -9.61
O3 SO4 H . -4.57 -2.10 -11.22
O4 SO4 H . -4.60 -3.31 -9.12
#